data_7X73
#
_entry.id   7X73
#
_cell.length_a   43.215
_cell.length_b   56.243
_cell.length_c   66.475
_cell.angle_alpha   76.052
_cell.angle_beta   72.474
_cell.angle_gamma   67.533
#
_symmetry.space_group_name_H-M   'P 1'
#
loop_
_entity.id
_entity.type
_entity.pdbx_description
1 polymer 'Histone-lysine N-methyltransferase EHMT2'
2 non-polymer 'ZINC ION'
3 non-polymer SINEFUNGIN
4 non-polymer N-[(2S)-1-[(4-cyanophenyl)amino]-4-cyclopropyl-1-oxidanylidene-butan-2-yl]-3,6,6-trimethyl-4-oxidanylidene-5,7-dihydro-1H-indole-2-carboxamide
5 non-polymer 1,2-ETHANEDIOL
6 non-polymer 2-AMINO-2-HYDROXYMETHYL-PROPANE-1,3-DIOL
7 water water
#
_entity_poly.entity_id   1
_entity_poly.type   'polypeptide(L)'
_entity_poly.pdbx_seq_one_letter_code
;GSNRAIRTEKIICRDVARGYENVPIPCVNGVDGEPCPEDYKYISENCETSTMNIDRNITHLQHCTCVDDCSSSNCLCGQL
SIRCWYDKDGRLLQEFNKIEPPLIFECNQACSCWRNCKNRVVQSGIKVRLQLYRTAKMGWGVRALQTIPQGTFICEYVGE
LISDAEADVREDDSYLFDLDNKDGEVYCIDARYYGNISRFINHLCDPNIIPVRVFMLHQDLRFPRIAFFSSRDIRTGEEL
GFDYGDRFWDIKSKYFTCQCGSEKCKHSAEAIALEQSRLARLD
;
_entity_poly.pdbx_strand_id   A,B
#
loop_
_chem_comp.id
_chem_comp.type
_chem_comp.name
_chem_comp.formula
EDO non-polymer 1,2-ETHANEDIOL 'C2 H6 O2'
J26 non-polymer N-[(2S)-1-[(4-cyanophenyl)amino]-4-cyclopropyl-1-oxidanylidene-butan-2-yl]-3,6,6-trimethyl-4-oxidanylidene-5,7-dihydro-1H-indole-2-carboxamide 'C26 H30 N4 O3'
SFG non-polymer SINEFUNGIN 'C15 H23 N7 O5'
TRS non-polymer 2-AMINO-2-HYDROXYMETHYL-PROPANE-1,3-DIOL 'C4 H12 N O3 1'
ZN non-polymer 'ZINC ION' 'Zn 2'
#
# COMPACT_ATOMS: atom_id res chain seq x y z
N ARG A 7 31.96 -25.50 -8.94
CA ARG A 7 30.59 -25.92 -8.65
C ARG A 7 29.58 -25.11 -9.46
N THR A 8 28.60 -25.81 -10.02
CA THR A 8 27.55 -25.17 -10.82
C THR A 8 26.79 -24.15 -9.96
N GLU A 9 26.35 -23.06 -10.60
CA GLU A 9 25.64 -21.99 -9.89
C GLU A 9 24.13 -22.25 -9.99
N LYS A 10 23.67 -23.17 -9.16
CA LYS A 10 22.27 -23.56 -9.15
C LYS A 10 21.39 -22.40 -8.71
N ILE A 11 20.26 -22.24 -9.39
CA ILE A 11 19.23 -21.30 -8.97
C ILE A 11 18.30 -22.02 -8.00
N ILE A 12 18.23 -21.54 -6.76
CA ILE A 12 17.58 -22.26 -5.68
C ILE A 12 16.30 -21.61 -5.23
N CYS A 13 15.95 -20.46 -5.78
CA CYS A 13 14.64 -19.86 -5.57
C CYS A 13 14.39 -18.90 -6.72
N ARG A 14 13.21 -19.02 -7.33
CA ARG A 14 12.90 -18.12 -8.44
C ARG A 14 12.65 -16.70 -7.96
N ASP A 15 12.16 -16.53 -6.73
CA ASP A 15 11.82 -15.21 -6.22
C ASP A 15 11.70 -15.31 -4.70
N VAL A 16 12.73 -14.84 -3.98
CA VAL A 16 12.66 -14.82 -2.52
C VAL A 16 11.55 -13.91 -2.00
N ALA A 17 11.04 -13.00 -2.83
CA ALA A 17 10.00 -12.09 -2.42
C ALA A 17 8.60 -12.61 -2.64
N ARG A 18 8.46 -13.81 -3.21
CA ARG A 18 7.14 -14.45 -3.39
C ARG A 18 6.17 -13.54 -4.13
N GLY A 19 6.67 -12.79 -5.11
CA GLY A 19 5.81 -11.96 -5.92
C GLY A 19 5.44 -10.62 -5.32
N TYR A 20 5.97 -10.27 -4.14
CA TYR A 20 5.60 -9.02 -3.49
C TYR A 20 6.29 -7.80 -4.06
N GLU A 21 7.37 -7.95 -4.82
CA GLU A 21 8.05 -6.81 -5.42
C GLU A 21 7.63 -6.67 -6.88
N ASN A 22 8.01 -5.53 -7.48
CA ASN A 22 7.67 -5.30 -8.88
C ASN A 22 8.39 -6.27 -9.80
N VAL A 23 9.50 -6.84 -9.35
CA VAL A 23 10.30 -7.79 -10.13
C VAL A 23 10.68 -8.94 -9.20
N PRO A 24 10.96 -10.11 -9.77
CA PRO A 24 11.43 -11.21 -8.92
C PRO A 24 12.87 -10.97 -8.48
N ILE A 25 13.21 -11.58 -7.35
CA ILE A 25 14.58 -11.56 -6.83
C ILE A 25 15.02 -13.01 -6.65
N PRO A 26 15.64 -13.61 -7.66
CA PRO A 26 16.07 -15.00 -7.54
C PRO A 26 17.25 -15.16 -6.59
N CYS A 27 17.48 -16.41 -6.20
CA CYS A 27 18.59 -16.79 -5.33
C CYS A 27 19.40 -17.88 -6.02
N VAL A 28 20.71 -17.73 -6.01
CA VAL A 28 21.62 -18.75 -6.53
C VAL A 28 22.73 -18.99 -5.51
N ASN A 29 23.35 -20.17 -5.61
CA ASN A 29 24.50 -20.49 -4.77
C ASN A 29 25.46 -21.34 -5.60
N GLY A 30 26.60 -20.76 -5.95
CA GLY A 30 27.64 -21.51 -6.62
C GLY A 30 28.88 -21.73 -5.78
N VAL A 31 28.76 -21.55 -4.47
CA VAL A 31 29.90 -21.57 -3.54
C VAL A 31 29.87 -22.79 -2.63
N ASP A 32 28.74 -23.03 -1.96
CA ASP A 32 28.66 -24.11 -0.98
C ASP A 32 27.29 -24.76 -1.12
N GLY A 33 26.95 -25.63 -0.16
CA GLY A 33 25.70 -26.36 -0.16
C GLY A 33 24.59 -25.74 0.66
N GLU A 34 24.74 -24.48 1.07
CA GLU A 34 23.70 -23.83 1.85
C GLU A 34 22.46 -23.62 0.98
N PRO A 35 21.29 -24.09 1.39
CA PRO A 35 20.07 -23.84 0.62
C PRO A 35 19.61 -22.40 0.81
N CYS A 36 18.53 -22.06 0.09
CA CYS A 36 17.98 -20.72 0.16
C CYS A 36 17.66 -20.35 1.60
N PRO A 37 18.02 -19.15 2.06
CA PRO A 37 17.81 -18.82 3.47
C PRO A 37 16.34 -18.73 3.80
N GLU A 38 15.94 -19.40 4.89
CA GLU A 38 14.54 -19.41 5.31
C GLU A 38 14.36 -19.15 6.80
N ASP A 39 15.39 -18.70 7.50
CA ASP A 39 15.29 -18.38 8.92
CA ASP A 39 15.30 -18.39 8.93
C ASP A 39 14.81 -16.96 9.16
N TYR A 40 13.92 -16.48 8.29
CA TYR A 40 13.32 -15.16 8.44
C TYR A 40 12.05 -15.17 7.61
N LYS A 41 11.28 -14.10 7.71
CA LYS A 41 10.05 -13.97 6.94
C LYS A 41 10.22 -12.78 6.01
N TYR A 42 10.15 -13.01 4.70
CA TYR A 42 10.30 -11.92 3.75
C TYR A 42 9.05 -11.07 3.77
N ILE A 43 9.22 -9.77 3.99
CA ILE A 43 8.15 -8.79 3.88
C ILE A 43 8.63 -7.67 2.96
N SER A 44 7.72 -7.13 2.16
CA SER A 44 8.13 -6.06 1.23
C SER A 44 7.99 -4.67 1.82
N GLU A 45 7.27 -4.51 2.93
CA GLU A 45 7.09 -3.23 3.59
C GLU A 45 7.28 -3.42 5.08
N ASN A 46 7.66 -2.34 5.77
CA ASN A 46 7.95 -2.44 7.19
C ASN A 46 6.75 -2.98 7.97
N CYS A 47 7.03 -3.73 9.02
CA CYS A 47 5.98 -4.29 9.86
C CYS A 47 6.16 -3.80 11.29
N GLU A 48 5.13 -4.05 12.09
CA GLU A 48 5.19 -3.87 13.53
C GLU A 48 4.84 -5.19 14.19
N THR A 49 5.51 -5.49 15.29
CA THR A 49 4.91 -6.40 16.25
C THR A 49 4.19 -5.50 17.26
N SER A 50 4.89 -5.02 18.27
CA SER A 50 4.29 -4.03 19.17
C SER A 50 4.00 -2.75 18.40
N THR A 51 2.91 -2.07 18.74
CA THR A 51 2.57 -0.90 17.94
C THR A 51 3.49 0.28 18.25
N MET A 52 3.87 1.00 17.20
CA MET A 52 4.70 2.18 17.30
C MET A 52 3.87 3.46 17.34
N ASN A 53 2.56 3.35 17.15
CA ASN A 53 1.66 4.51 17.13
C ASN A 53 2.14 5.55 16.14
N ILE A 54 2.37 5.12 14.90
CA ILE A 54 2.81 6.03 13.85
C ILE A 54 1.67 6.99 13.57
N ASP A 55 2.00 8.29 13.51
CA ASP A 55 1.01 9.31 13.21
C ASP A 55 0.63 9.22 11.73
N ARG A 56 -0.61 8.78 11.47
CA ARG A 56 -1.11 8.67 10.11
C ARG A 56 -2.32 9.58 9.89
N ASN A 57 -2.48 10.60 10.72
CA ASN A 57 -3.56 11.57 10.55
C ASN A 57 -3.30 12.36 9.26
N ILE A 58 -4.17 12.20 8.27
CA ILE A 58 -3.94 12.82 6.97
C ILE A 58 -3.89 14.34 7.06
N THR A 59 -4.60 14.93 8.04
CA THR A 59 -4.55 16.38 8.22
C THR A 59 -3.22 16.85 8.79
N HIS A 60 -2.38 15.95 9.28
CA HIS A 60 -1.05 16.32 9.76
C HIS A 60 -0.02 16.42 8.64
N LEU A 61 -0.34 15.97 7.44
CA LEU A 61 0.63 15.92 6.35
C LEU A 61 0.86 17.31 5.77
N GLN A 62 2.12 17.65 5.57
CA GLN A 62 2.47 18.73 4.65
C GLN A 62 2.35 18.17 3.24
N HIS A 63 1.75 18.95 2.35
CA HIS A 63 1.52 18.46 1.00
C HIS A 63 1.62 19.63 0.05
N CYS A 64 1.73 19.33 -1.24
CA CYS A 64 1.82 20.37 -2.23
C CYS A 64 0.46 20.62 -2.89
N THR A 65 0.39 21.75 -3.60
CA THR A 65 -0.81 22.15 -4.34
C THR A 65 -0.50 22.24 -5.82
N CYS A 66 0.52 21.54 -6.29
CA CYS A 66 0.96 21.65 -7.67
C CYS A 66 -0.13 21.18 -8.62
N VAL A 67 -0.25 21.89 -9.74
CA VAL A 67 -1.11 21.52 -10.85
C VAL A 67 -0.32 21.02 -12.05
N ASP A 68 0.99 20.78 -11.87
CA ASP A 68 1.83 20.21 -12.92
C ASP A 68 2.33 18.85 -12.47
N ASP A 69 3.56 18.49 -12.83
CA ASP A 69 4.16 17.20 -12.47
C ASP A 69 5.11 17.32 -11.28
N CYS A 70 5.06 18.43 -10.55
CA CYS A 70 5.92 18.67 -9.39
C CYS A 70 7.40 18.76 -9.78
N SER A 71 7.67 19.13 -11.02
CA SER A 71 9.05 19.32 -11.44
C SER A 71 9.51 20.76 -11.27
N SER A 72 8.63 21.66 -10.86
CA SER A 72 9.01 23.05 -10.71
C SER A 72 9.56 23.31 -9.31
N SER A 73 10.23 24.45 -9.16
CA SER A 73 10.71 24.88 -7.86
C SER A 73 9.59 25.32 -6.94
N ASN A 74 8.35 25.39 -7.43
CA ASN A 74 7.21 25.77 -6.61
C ASN A 74 6.63 24.62 -5.81
N CYS A 75 7.12 23.39 -5.99
CA CYS A 75 6.53 22.25 -5.29
C CYS A 75 6.89 22.31 -3.82
N LEU A 76 5.87 22.38 -2.97
CA LEU A 76 6.11 22.50 -1.53
C LEU A 76 6.79 21.26 -0.96
N CYS A 77 6.57 20.10 -1.57
CA CYS A 77 7.22 18.89 -1.07
C CYS A 77 8.70 18.88 -1.40
N GLY A 78 9.07 19.34 -2.60
CA GLY A 78 10.47 19.53 -2.90
C GLY A 78 11.11 20.57 -2.00
N GLN A 79 10.36 21.61 -1.63
CA GLN A 79 10.92 22.64 -0.75
C GLN A 79 11.16 22.09 0.65
N LEU A 80 10.40 21.09 1.09
CA LEU A 80 10.68 20.44 2.36
C LEU A 80 12.05 19.77 2.39
N SER A 81 12.70 19.65 1.24
CA SER A 81 14.09 19.23 1.14
C SER A 81 14.88 20.19 0.26
N ILE A 82 14.65 21.49 0.42
CA ILE A 82 15.26 22.56 -0.38
C ILE A 82 14.78 22.48 -1.82
N ARG A 83 14.98 21.33 -2.46
CA ARG A 83 14.48 21.11 -3.81
C ARG A 83 14.18 19.62 -3.96
N CYS A 84 13.46 19.27 -5.02
CA CYS A 84 13.33 17.87 -5.38
C CYS A 84 14.67 17.37 -5.90
N TRP A 85 15.25 16.40 -5.21
CA TRP A 85 16.56 15.89 -5.59
C TRP A 85 16.49 14.83 -6.66
N TYR A 86 15.33 14.65 -7.28
CA TYR A 86 15.17 13.69 -8.36
C TYR A 86 15.20 14.40 -9.69
N ASP A 87 15.91 13.81 -10.65
CA ASP A 87 15.94 14.34 -12.01
C ASP A 87 14.71 13.83 -12.76
N LYS A 88 14.65 14.11 -14.06
CA LYS A 88 13.51 13.70 -14.87
C LYS A 88 13.36 12.18 -14.96
N ASP A 89 14.45 11.44 -14.75
CA ASP A 89 14.41 9.98 -14.79
C ASP A 89 14.19 9.35 -13.42
N GLY A 90 13.97 10.16 -12.39
CA GLY A 90 13.79 9.62 -11.05
C GLY A 90 15.09 9.28 -10.34
N ARG A 91 16.21 9.78 -10.81
CA ARG A 91 17.49 9.52 -10.17
C ARG A 91 17.91 10.72 -9.34
N LEU A 92 18.68 10.45 -8.28
CA LEU A 92 19.25 11.53 -7.50
C LEU A 92 20.14 12.40 -8.37
N LEU A 93 20.13 13.70 -8.08
CA LEU A 93 20.98 14.63 -8.82
C LEU A 93 22.45 14.37 -8.51
N GLN A 94 23.32 14.98 -9.32
CA GLN A 94 24.75 14.85 -9.09
C GLN A 94 25.16 15.59 -7.81
N GLU A 95 24.76 16.85 -7.68
CA GLU A 95 25.09 17.67 -6.52
C GLU A 95 24.45 17.18 -5.23
N PHE A 96 23.61 16.14 -5.28
CA PHE A 96 23.06 15.55 -4.08
C PHE A 96 24.17 15.17 -3.12
N ASN A 97 24.01 15.55 -1.86
CA ASN A 97 25.01 15.27 -0.85
C ASN A 97 25.01 13.78 -0.53
N LYS A 98 26.08 13.08 -0.94
CA LYS A 98 26.16 11.63 -0.76
C LYS A 98 26.85 11.22 0.53
N ILE A 99 27.40 12.17 1.29
CA ILE A 99 27.99 11.86 2.60
C ILE A 99 27.03 12.33 3.69
N GLU A 100 26.27 13.39 3.40
CA GLU A 100 25.29 13.94 4.34
C GLU A 100 23.97 14.16 3.59
N PRO A 101 23.25 13.09 3.29
CA PRO A 101 22.02 13.21 2.51
C PRO A 101 20.95 13.99 3.28
N PRO A 102 20.17 14.82 2.60
CA PRO A 102 19.04 15.46 3.27
C PRO A 102 17.87 14.51 3.35
N LEU A 103 16.92 14.86 4.20
CA LEU A 103 15.67 14.13 4.24
C LEU A 103 14.93 14.36 2.93
N ILE A 104 14.34 13.30 2.38
CA ILE A 104 13.48 13.42 1.21
C ILE A 104 12.03 13.35 1.65
N PHE A 105 11.23 14.32 1.25
CA PHE A 105 9.78 14.27 1.44
C PHE A 105 9.15 14.03 0.07
N GLU A 106 8.67 12.81 -0.16
CA GLU A 106 7.98 12.53 -1.41
C GLU A 106 6.54 13.02 -1.32
N CYS A 107 5.92 13.15 -2.47
CA CYS A 107 4.50 13.50 -2.50
C CYS A 107 3.67 12.34 -1.95
N ASN A 108 2.44 12.67 -1.58
CA ASN A 108 1.62 11.76 -0.80
C ASN A 108 0.16 11.93 -1.20
N GLN A 109 -0.71 11.19 -0.51
CA GLN A 109 -2.12 11.16 -0.85
C GLN A 109 -2.83 12.47 -0.55
N ALA A 110 -2.21 13.37 0.22
CA ALA A 110 -2.80 14.68 0.45
C ALA A 110 -2.44 15.71 -0.62
N CYS A 111 -1.39 15.48 -1.40
CA CYS A 111 -1.04 16.43 -2.45
C CYS A 111 -2.08 16.46 -3.56
N SER A 112 -2.17 17.59 -4.24
CA SER A 112 -3.09 17.74 -5.36
C SER A 112 -2.59 17.09 -6.64
N CYS A 113 -1.33 16.66 -6.67
CA CYS A 113 -0.69 16.17 -7.88
C CYS A 113 -1.09 14.73 -8.16
N TRP A 114 -0.65 14.24 -9.32
CA TRP A 114 -0.95 12.88 -9.74
C TRP A 114 0.04 11.86 -9.17
N ARG A 115 -0.39 10.60 -9.16
CA ARG A 115 0.42 9.50 -8.63
C ARG A 115 1.72 9.31 -9.40
N ASN A 116 1.81 9.80 -10.62
CA ASN A 116 3.04 9.68 -11.38
C ASN A 116 3.81 10.99 -11.46
N CYS A 117 3.67 11.86 -10.47
CA CYS A 117 4.48 13.08 -10.48
C CYS A 117 5.95 12.72 -10.27
N LYS A 118 6.80 13.73 -10.44
CA LYS A 118 8.25 13.49 -10.41
C LYS A 118 8.79 13.25 -9.00
N ASN A 119 7.97 13.33 -7.96
CA ASN A 119 8.49 13.24 -6.61
C ASN A 119 7.94 12.01 -5.90
N ARG A 120 7.99 10.84 -6.54
CA ARG A 120 7.42 9.62 -5.97
C ARG A 120 8.28 8.38 -6.25
N VAL A 121 9.59 8.54 -6.23
CA VAL A 121 10.49 7.47 -6.68
C VAL A 121 10.45 6.28 -5.72
N VAL A 122 10.69 6.53 -4.44
CA VAL A 122 10.83 5.41 -3.52
C VAL A 122 9.51 4.68 -3.35
N GLN A 123 8.41 5.44 -3.30
CA GLN A 123 7.13 4.80 -3.09
C GLN A 123 6.70 3.92 -4.26
N SER A 124 7.40 3.99 -5.38
CA SER A 124 7.07 3.19 -6.56
C SER A 124 7.79 1.84 -6.60
N GLY A 125 8.69 1.58 -5.66
CA GLY A 125 9.22 0.24 -5.49
C GLY A 125 10.45 -0.08 -6.31
N ILE A 126 10.84 -1.35 -6.24
CA ILE A 126 12.04 -1.82 -6.91
C ILE A 126 11.81 -1.86 -8.41
N LYS A 127 12.77 -1.34 -9.17
CA LYS A 127 12.73 -1.43 -10.63
C LYS A 127 13.92 -2.16 -11.23
N VAL A 128 15.02 -2.30 -10.51
CA VAL A 128 16.20 -2.94 -11.07
C VAL A 128 16.18 -4.43 -10.74
N ARG A 129 16.87 -5.21 -11.55
CA ARG A 129 16.98 -6.65 -11.35
C ARG A 129 18.12 -6.96 -10.40
N LEU A 130 17.78 -7.54 -9.24
CA LEU A 130 18.73 -7.94 -8.22
C LEU A 130 18.74 -9.45 -8.10
N GLN A 131 19.77 -9.96 -7.41
CA GLN A 131 19.91 -11.39 -7.17
C GLN A 131 20.52 -11.62 -5.80
N LEU A 132 19.90 -12.50 -5.02
CA LEU A 132 20.52 -13.00 -3.80
C LEU A 132 21.50 -14.10 -4.19
N TYR A 133 22.74 -14.00 -3.73
CA TYR A 133 23.75 -14.98 -4.13
C TYR A 133 24.69 -15.27 -2.97
N ARG A 134 25.36 -16.41 -3.06
CA ARG A 134 26.30 -16.84 -2.03
C ARG A 134 27.67 -16.23 -2.35
N THR A 135 28.19 -15.43 -1.42
CA THR A 135 29.49 -14.84 -1.64
C THR A 135 30.59 -15.80 -1.19
N ALA A 136 31.83 -15.41 -1.44
CA ALA A 136 32.95 -16.28 -1.11
C ALA A 136 33.27 -16.25 0.38
N LYS A 137 33.09 -15.10 1.02
CA LYS A 137 33.59 -14.93 2.39
C LYS A 137 32.63 -14.21 3.32
N MET A 138 31.48 -13.73 2.84
CA MET A 138 30.60 -12.88 3.62
C MET A 138 29.18 -13.43 3.72
N GLY A 139 29.01 -14.74 3.55
CA GLY A 139 27.66 -15.29 3.60
C GLY A 139 26.87 -14.94 2.35
N TRP A 140 25.57 -14.71 2.53
CA TRP A 140 24.76 -14.26 1.43
C TRP A 140 25.04 -12.79 1.13
N GLY A 141 24.86 -12.42 -0.14
CA GLY A 141 24.99 -11.05 -0.57
C GLY A 141 24.01 -10.76 -1.67
N VAL A 142 23.98 -9.50 -2.12
CA VAL A 142 23.05 -9.06 -3.17
C VAL A 142 23.87 -8.40 -4.27
N ARG A 143 23.60 -8.78 -5.53
CA ARG A 143 24.30 -8.20 -6.65
C ARG A 143 23.31 -7.80 -7.74
N ALA A 144 23.78 -6.91 -8.62
CA ALA A 144 22.94 -6.42 -9.71
C ALA A 144 22.98 -7.40 -10.88
N LEU A 145 21.85 -7.52 -11.58
CA LEU A 145 21.76 -8.30 -12.80
C LEU A 145 21.66 -7.39 -14.03
N GLN A 146 22.00 -6.11 -13.86
CA GLN A 146 21.95 -5.13 -14.93
C GLN A 146 22.85 -3.98 -14.52
N THR A 147 23.23 -3.17 -15.50
CA THR A 147 23.91 -1.91 -15.18
C THR A 147 22.92 -0.98 -14.51
N ILE A 148 23.39 -0.23 -13.51
CA ILE A 148 22.56 0.69 -12.75
C ILE A 148 23.24 2.05 -12.74
N PRO A 149 22.64 3.08 -13.33
CA PRO A 149 23.27 4.41 -13.32
C PRO A 149 23.34 4.97 -11.91
N GLN A 150 24.31 5.86 -11.71
CA GLN A 150 24.43 6.58 -10.44
C GLN A 150 23.13 7.30 -10.11
N GLY A 151 22.74 7.24 -8.84
CA GLY A 151 21.56 7.94 -8.37
C GLY A 151 20.27 7.17 -8.47
N THR A 152 20.31 5.90 -8.90
CA THR A 152 19.10 5.11 -9.08
C THR A 152 18.64 4.48 -7.77
N PHE A 153 17.34 4.51 -7.54
CA PHE A 153 16.76 3.81 -6.40
C PHE A 153 16.94 2.32 -6.56
N ILE A 154 17.43 1.66 -5.51
CA ILE A 154 17.70 0.23 -5.56
C ILE A 154 16.63 -0.53 -4.80
N CYS A 155 16.54 -0.27 -3.49
CA CYS A 155 15.59 -0.95 -2.62
C CYS A 155 15.58 -0.22 -1.29
N GLU A 156 14.60 -0.55 -0.47
CA GLU A 156 14.41 0.02 0.86
C GLU A 156 14.89 -0.97 1.92
N TYR A 157 15.42 -0.45 3.02
CA TYR A 157 15.77 -1.31 4.16
C TYR A 157 14.50 -1.57 4.94
N VAL A 158 13.95 -2.76 4.79
CA VAL A 158 12.63 -3.12 5.32
C VAL A 158 12.80 -4.12 6.45
N GLY A 159 12.03 -3.91 7.52
CA GLY A 159 11.99 -4.86 8.60
C GLY A 159 10.96 -4.50 9.65
N GLU A 160 11.23 -4.92 10.87
CA GLU A 160 10.34 -4.75 12.00
C GLU A 160 10.74 -3.48 12.73
N LEU A 161 9.79 -2.55 12.88
CA LEU A 161 10.05 -1.29 13.58
C LEU A 161 10.04 -1.56 15.07
N ILE A 162 11.14 -1.25 15.75
CA ILE A 162 11.22 -1.47 17.19
C ILE A 162 11.82 -0.25 17.87
N SER A 163 11.58 -0.16 19.17
CA SER A 163 12.17 0.89 19.98
C SER A 163 13.64 0.60 20.25
N ASP A 164 14.38 1.65 20.62
CA ASP A 164 15.77 1.49 21.01
C ASP A 164 15.90 0.55 22.20
N ALA A 165 14.95 0.63 23.14
CA ALA A 165 14.98 -0.27 24.30
C ALA A 165 14.87 -1.73 23.86
N GLU A 166 13.95 -2.01 22.93
CA GLU A 166 13.80 -3.38 22.44
C GLU A 166 15.03 -3.83 21.67
N ALA A 167 15.61 -2.95 20.84
CA ALA A 167 16.83 -3.31 20.12
C ALA A 167 17.94 -3.73 21.08
N ASP A 168 18.03 -3.08 22.25
CA ASP A 168 19.12 -3.37 23.18
C ASP A 168 19.01 -4.75 23.80
N VAL A 169 17.80 -5.32 23.88
CA VAL A 169 17.63 -6.66 24.42
C VAL A 169 17.58 -7.73 23.33
N ARG A 170 17.64 -7.34 22.07
CA ARG A 170 17.64 -8.31 20.98
C ARG A 170 18.98 -9.04 20.95
N GLU A 171 18.93 -10.37 20.85
CA GLU A 171 20.16 -11.17 20.84
C GLU A 171 20.98 -10.94 19.58
N ASP A 172 20.36 -11.12 18.41
CA ASP A 172 21.06 -11.04 17.13
C ASP A 172 20.85 -9.64 16.58
N ASP A 173 21.94 -8.86 16.52
CA ASP A 173 21.87 -7.49 16.03
C ASP A 173 22.49 -7.33 14.64
N SER A 174 22.73 -8.42 13.92
CA SER A 174 23.34 -8.38 12.60
C SER A 174 22.45 -7.75 11.54
N TYR A 175 21.17 -7.51 11.85
CA TYR A 175 20.23 -6.94 10.89
C TYR A 175 19.56 -5.69 11.42
N LEU A 176 20.18 -5.03 12.39
CA LEU A 176 19.60 -3.90 13.09
C LEU A 176 20.08 -2.62 12.44
N PHE A 177 19.14 -1.79 11.99
CA PHE A 177 19.45 -0.51 11.36
C PHE A 177 18.89 0.60 12.23
N ASP A 178 19.77 1.46 12.73
CA ASP A 178 19.39 2.56 13.59
C ASP A 178 18.95 3.74 12.74
N LEU A 179 17.77 4.29 13.03
CA LEU A 179 17.26 5.41 12.27
C LEU A 179 17.92 6.74 12.63
N ASP A 180 18.73 6.76 13.69
CA ASP A 180 19.53 7.93 14.07
C ASP A 180 18.66 9.14 14.37
N ASN A 181 17.54 8.90 15.06
CA ASN A 181 16.68 10.00 15.49
C ASN A 181 17.45 10.87 16.48
N LYS A 182 17.89 12.04 16.02
CA LYS A 182 18.71 12.91 16.87
C LYS A 182 17.89 13.58 17.96
N ASP A 183 16.63 13.92 17.69
CA ASP A 183 15.78 14.63 18.65
C ASP A 183 14.72 13.67 19.16
N GLY A 184 14.83 13.31 20.44
CA GLY A 184 13.77 12.56 21.09
C GLY A 184 13.87 11.04 20.98
N GLU A 185 12.72 10.41 20.73
CA GLU A 185 12.62 8.96 20.81
C GLU A 185 13.39 8.30 19.66
N VAL A 186 14.19 7.27 20.00
CA VAL A 186 15.05 6.58 19.04
C VAL A 186 14.42 5.25 18.66
N TYR A 187 14.44 4.95 17.35
CA TYR A 187 13.82 3.74 16.83
C TYR A 187 14.75 3.07 15.82
N CYS A 188 14.53 1.78 15.61
CA CYS A 188 15.34 0.97 14.73
C CYS A 188 14.47 0.11 13.82
N ILE A 189 15.06 -0.32 12.72
CA ILE A 189 14.48 -1.36 11.87
C ILE A 189 15.30 -2.62 12.09
N ASP A 190 14.65 -3.66 12.62
CA ASP A 190 15.31 -4.95 12.82
C ASP A 190 14.82 -5.89 11.73
N ALA A 191 15.72 -6.28 10.84
CA ALA A 191 15.36 -7.18 9.75
C ALA A 191 15.68 -8.64 10.07
N ARG A 192 15.95 -8.97 11.34
CA ARG A 192 16.35 -10.32 11.70
C ARG A 192 15.21 -11.31 11.46
N TYR A 193 14.02 -11.01 11.98
CA TYR A 193 12.93 -11.96 11.89
C TYR A 193 12.00 -11.67 10.72
N TYR A 194 11.85 -10.40 10.37
CA TYR A 194 11.07 -9.96 9.23
C TYR A 194 11.91 -8.97 8.45
N GLY A 195 12.10 -9.21 7.16
CA GLY A 195 12.87 -8.25 6.36
C GLY A 195 12.71 -8.52 4.88
N ASN A 196 13.29 -7.61 4.09
CA ASN A 196 13.29 -7.79 2.65
C ASN A 196 14.70 -8.08 2.15
N ILE A 197 14.93 -7.88 0.85
CA ILE A 197 16.22 -8.23 0.24
C ILE A 197 17.38 -7.45 0.86
N SER A 198 17.10 -6.26 1.41
CA SER A 198 18.15 -5.42 1.95
CA SER A 198 18.15 -5.42 1.95
C SER A 198 18.86 -6.04 3.15
N ARG A 199 18.20 -6.98 3.85
CA ARG A 199 18.83 -7.61 5.01
C ARG A 199 20.06 -8.41 4.60
N PHE A 200 20.20 -8.71 3.31
CA PHE A 200 21.32 -9.48 2.81
C PHE A 200 22.44 -8.62 2.23
N ILE A 201 22.30 -7.30 2.23
CA ILE A 201 23.30 -6.43 1.63
C ILE A 201 24.48 -6.28 2.58
N ASN A 202 25.68 -6.57 2.09
CA ASN A 202 26.87 -6.59 2.92
C ASN A 202 27.50 -5.21 3.04
N HIS A 203 28.42 -5.10 3.98
CA HIS A 203 29.23 -3.89 4.11
C HIS A 203 30.34 -3.90 3.08
N LEU A 204 30.54 -2.76 2.43
CA LEU A 204 31.70 -2.56 1.57
C LEU A 204 32.41 -1.28 2.00
N CYS A 205 33.74 -1.35 2.12
CA CYS A 205 34.52 -0.14 2.40
C CYS A 205 34.62 0.76 1.19
N ASP A 206 34.37 0.24 0.00
CA ASP A 206 34.23 1.03 -1.22
C ASP A 206 32.81 0.85 -1.70
N PRO A 207 31.85 1.48 -1.02
CA PRO A 207 30.43 1.18 -1.26
C PRO A 207 29.94 1.78 -2.57
N ASN A 208 28.89 1.16 -3.10
CA ASN A 208 28.24 1.65 -4.31
C ASN A 208 26.80 2.06 -4.10
N ILE A 209 26.27 1.97 -2.87
CA ILE A 209 24.93 2.47 -2.56
C ILE A 209 25.00 3.25 -1.24
N ILE A 210 24.03 4.14 -1.05
CA ILE A 210 23.95 4.96 0.15
C ILE A 210 22.54 4.95 0.71
N PRO A 211 22.38 4.95 2.03
CA PRO A 211 21.03 5.05 2.61
C PRO A 211 20.60 6.50 2.73
N VAL A 212 19.32 6.74 2.42
CA VAL A 212 18.71 8.05 2.49
C VAL A 212 17.39 7.93 3.24
N ARG A 213 17.13 8.86 4.14
CA ARG A 213 15.90 8.87 4.92
C ARG A 213 14.81 9.55 4.09
N VAL A 214 13.65 8.90 4.01
CA VAL A 214 12.57 9.33 3.11
C VAL A 214 11.24 9.26 3.85
N PHE A 215 10.37 10.23 3.57
CA PHE A 215 8.98 10.23 4.04
C PHE A 215 8.05 10.15 2.84
N MET A 216 7.02 9.30 2.97
CA MET A 216 6.06 9.06 1.90
C MET A 216 4.64 9.23 2.40
N LEU A 217 3.99 8.14 2.84
CA LEU A 217 2.58 8.19 3.19
C LEU A 217 2.31 8.83 4.54
N HIS A 218 3.32 8.95 5.39
CA HIS A 218 3.18 9.63 6.67
C HIS A 218 4.40 10.52 6.85
N GLN A 219 4.30 11.46 7.79
CA GLN A 219 5.44 12.32 8.11
C GLN A 219 5.70 12.32 9.61
N ASP A 220 5.58 11.15 10.22
CA ASP A 220 5.99 10.97 11.62
C ASP A 220 7.51 10.92 11.63
N LEU A 221 8.13 12.01 12.06
CA LEU A 221 9.58 12.16 11.94
C LEU A 221 10.36 11.14 12.74
N ARG A 222 9.71 10.41 13.65
CA ARG A 222 10.41 9.34 14.36
C ARG A 222 10.71 8.16 13.46
N PHE A 223 10.03 8.04 12.32
CA PHE A 223 10.04 6.83 11.49
C PHE A 223 10.35 7.16 10.04
N PRO A 224 11.54 7.69 9.75
CA PRO A 224 11.97 7.74 8.36
C PRO A 224 12.08 6.33 7.80
N ARG A 225 11.79 6.20 6.51
CA ARG A 225 12.06 4.96 5.80
C ARG A 225 13.43 5.08 5.14
N ILE A 226 14.12 3.96 5.03
CA ILE A 226 15.51 3.98 4.58
C ILE A 226 15.56 3.50 3.13
N ALA A 227 15.94 4.39 2.22
CA ALA A 227 16.04 4.08 0.80
C ALA A 227 17.50 4.05 0.37
N PHE A 228 17.89 2.99 -0.33
CA PHE A 228 19.23 2.88 -0.90
C PHE A 228 19.23 3.37 -2.33
N PHE A 229 20.12 4.31 -2.64
CA PHE A 229 20.36 4.79 -3.99
C PHE A 229 21.80 4.49 -4.37
N SER A 230 22.03 4.18 -5.64
CA SER A 230 23.41 3.95 -6.07
C SER A 230 24.20 5.25 -6.01
N SER A 231 25.42 5.16 -5.49
CA SER A 231 26.31 6.32 -5.39
C SER A 231 27.22 6.48 -6.60
N ARG A 232 27.24 5.49 -7.48
CA ARG A 232 27.98 5.55 -8.73
C ARG A 232 27.34 4.56 -9.68
N ASP A 233 27.80 4.58 -10.93
CA ASP A 233 27.35 3.58 -11.89
C ASP A 233 27.79 2.19 -11.42
N ILE A 234 26.88 1.23 -11.48
CA ILE A 234 27.13 -0.13 -11.00
C ILE A 234 27.07 -1.08 -12.18
N ARG A 235 28.07 -1.96 -12.28
CA ARG A 235 28.16 -2.91 -13.38
C ARG A 235 27.31 -4.14 -13.10
N THR A 236 26.85 -4.79 -14.17
CA THR A 236 26.13 -6.05 -14.03
C THR A 236 27.04 -7.06 -13.33
N GLY A 237 26.47 -7.80 -12.38
CA GLY A 237 27.22 -8.77 -11.61
C GLY A 237 27.91 -8.21 -10.38
N GLU A 238 27.94 -6.90 -10.21
CA GLU A 238 28.63 -6.27 -9.09
C GLU A 238 27.82 -6.43 -7.81
N GLU A 239 28.50 -6.79 -6.73
CA GLU A 239 27.82 -6.86 -5.45
C GLU A 239 27.46 -5.47 -4.95
N LEU A 240 26.25 -5.33 -4.43
CA LEU A 240 25.84 -4.08 -3.79
C LEU A 240 26.34 -4.04 -2.36
N GLY A 241 26.70 -2.86 -1.90
CA GLY A 241 27.05 -2.69 -0.51
C GLY A 241 27.09 -1.24 -0.11
N PHE A 242 26.79 -0.99 1.16
CA PHE A 242 26.89 0.33 1.75
C PHE A 242 27.86 0.29 2.93
N ASP A 243 28.27 1.47 3.38
CA ASP A 243 29.12 1.61 4.54
C ASP A 243 28.26 1.46 5.79
N TYR A 244 28.45 0.34 6.50
CA TYR A 244 27.70 0.11 7.73
C TYR A 244 27.96 1.17 8.78
N GLY A 245 29.13 1.82 8.72
CA GLY A 245 29.46 2.90 9.63
C GLY A 245 30.43 2.46 10.71
N ASP A 246 31.13 3.44 11.28
CA ASP A 246 32.11 3.13 12.31
C ASP A 246 31.48 2.60 13.58
N ARG A 247 30.26 3.06 13.92
CA ARG A 247 29.55 2.55 15.08
C ARG A 247 29.46 1.03 15.04
N PHE A 248 29.03 0.47 13.90
CA PHE A 248 28.98 -0.97 13.74
C PHE A 248 30.35 -1.61 13.93
N TRP A 249 31.36 -1.13 13.20
CA TRP A 249 32.65 -1.81 13.23
C TRP A 249 33.39 -1.60 14.54
N ASP A 250 33.21 -0.46 15.21
CA ASP A 250 33.84 -0.25 16.50
C ASP A 250 33.48 -1.35 17.48
N ILE A 251 32.26 -1.88 17.38
CA ILE A 251 31.82 -2.99 18.22
C ILE A 251 32.17 -4.33 17.60
N LYS A 252 31.82 -4.52 16.32
CA LYS A 252 31.87 -5.85 15.73
C LYS A 252 33.29 -6.31 15.45
N SER A 253 34.21 -5.38 15.19
CA SER A 253 35.57 -5.77 14.79
C SER A 253 36.31 -6.55 15.86
N LYS A 254 35.83 -6.53 17.12
CA LYS A 254 36.36 -7.42 18.14
C LYS A 254 36.11 -8.87 17.78
N TYR A 255 35.03 -9.15 17.06
CA TYR A 255 34.56 -10.51 16.81
C TYR A 255 34.84 -10.99 15.40
N PHE A 256 34.80 -10.10 14.41
CA PHE A 256 35.15 -10.44 13.05
C PHE A 256 35.56 -9.18 12.31
N THR A 257 36.41 -9.34 11.32
CA THR A 257 36.96 -8.22 10.58
C THR A 257 36.39 -8.18 9.17
N CYS A 258 36.64 -7.08 8.48
CA CYS A 258 36.02 -6.86 7.18
C CYS A 258 36.65 -7.74 6.12
N GLN A 259 35.81 -8.36 5.30
CA GLN A 259 36.26 -9.23 4.22
C GLN A 259 36.03 -8.62 2.84
N CYS A 260 35.80 -7.30 2.78
CA CYS A 260 35.46 -6.69 1.49
C CYS A 260 36.59 -6.80 0.49
N GLY A 261 37.82 -6.96 0.94
CA GLY A 261 38.92 -7.21 0.02
C GLY A 261 39.35 -6.00 -0.78
N SER A 262 38.82 -4.82 -0.47
CA SER A 262 39.22 -3.62 -1.19
C SER A 262 40.60 -3.17 -0.73
N GLU A 263 41.33 -2.55 -1.66
CA GLU A 263 42.57 -1.88 -1.29
C GLU A 263 42.32 -0.81 -0.23
N LYS A 264 41.14 -0.20 -0.26
CA LYS A 264 40.77 0.87 0.66
C LYS A 264 40.15 0.35 1.95
N CYS A 265 40.19 -0.95 2.20
CA CYS A 265 39.47 -1.51 3.34
C CYS A 265 39.92 -0.88 4.65
N LYS A 266 38.95 -0.43 5.44
CA LYS A 266 39.19 0.31 6.68
C LYS A 266 39.07 -0.55 7.93
N HIS A 267 38.60 -1.79 7.80
CA HIS A 267 38.18 -2.60 8.94
C HIS A 267 38.70 -4.03 8.85
N SER A 268 39.67 -4.29 7.97
CA SER A 268 40.29 -5.60 7.91
C SER A 268 41.19 -5.81 9.13
N ALA A 269 41.60 -7.06 9.34
CA ALA A 269 42.57 -7.34 10.41
C ALA A 269 43.84 -6.54 10.22
N GLU A 270 44.32 -6.42 8.98
CA GLU A 270 45.49 -5.61 8.69
C GLU A 270 45.26 -4.14 9.01
N ALA A 271 44.10 -3.60 8.61
CA ALA A 271 43.84 -2.19 8.86
C ALA A 271 43.72 -1.91 10.35
N ILE A 272 43.05 -2.82 11.08
CA ILE A 272 42.92 -2.69 12.52
C ILE A 272 44.29 -2.70 13.19
N ALA A 273 45.16 -3.63 12.78
CA ALA A 273 46.50 -3.69 13.34
C ALA A 273 47.28 -2.41 13.07
N LEU A 274 47.06 -1.78 11.92
CA LEU A 274 47.75 -0.54 11.64
C LEU A 274 47.24 0.60 12.51
N GLU A 275 45.91 0.76 12.59
CA GLU A 275 45.34 1.82 13.42
C GLU A 275 45.65 1.62 14.90
N GLN A 276 46.04 0.41 15.30
CA GLN A 276 46.49 0.17 16.67
C GLN A 276 47.98 0.39 16.84
N SER A 277 48.79 -0.16 15.92
CA SER A 277 50.23 0.03 16.00
C SER A 277 50.61 1.50 15.91
N ARG A 278 49.78 2.31 15.24
CA ARG A 278 50.03 3.75 15.19
C ARG A 278 49.93 4.37 16.57
N LEU A 279 48.77 4.22 17.22
CA LEU A 279 48.53 4.87 18.51
C LEU A 279 49.56 4.44 19.55
N ALA A 280 50.09 3.23 19.43
CA ALA A 280 51.17 2.79 20.31
C ALA A 280 52.43 3.61 20.07
N ILE B 6 -29.10 18.92 -30.16
CA ILE B 6 -28.73 17.72 -29.42
C ILE B 6 -27.45 17.98 -28.61
N ARG B 7 -27.51 17.71 -27.31
CA ARG B 7 -26.35 17.89 -26.45
C ARG B 7 -25.41 16.72 -26.63
N THR B 8 -24.12 17.01 -26.81
CA THR B 8 -23.13 15.97 -26.98
C THR B 8 -22.50 15.65 -25.63
N GLU B 9 -21.95 14.44 -25.53
CA GLU B 9 -21.25 14.04 -24.34
C GLU B 9 -19.80 14.52 -24.42
N LYS B 10 -19.33 15.16 -23.36
CA LYS B 10 -17.95 15.62 -23.29
C LYS B 10 -17.19 14.83 -22.22
N ILE B 11 -15.93 14.52 -22.52
CA ILE B 11 -15.03 13.96 -21.52
C ILE B 11 -14.46 15.15 -20.75
N ILE B 12 -14.81 15.24 -19.47
CA ILE B 12 -14.40 16.40 -18.68
C ILE B 12 -13.30 16.09 -17.68
N CYS B 13 -12.93 14.83 -17.50
CA CYS B 13 -11.73 14.48 -16.74
C CYS B 13 -11.27 13.11 -17.23
N ARG B 14 -9.99 13.01 -17.57
CA ARG B 14 -9.46 11.74 -18.05
CA ARG B 14 -9.48 11.73 -18.06
C ARG B 14 -9.33 10.72 -16.93
N ASP B 15 -9.17 11.17 -15.69
CA ASP B 15 -9.01 10.24 -14.57
C ASP B 15 -9.28 11.00 -13.28
N VAL B 16 -10.45 10.75 -12.68
CA VAL B 16 -10.76 11.38 -11.40
C VAL B 16 -9.85 10.89 -10.28
N ALA B 17 -9.23 9.72 -10.45
CA ALA B 17 -8.35 9.16 -9.42
C ALA B 17 -6.92 9.65 -9.53
N ARG B 18 -6.61 10.50 -10.50
CA ARG B 18 -5.27 11.09 -10.64
C ARG B 18 -4.17 10.04 -10.68
N GLY B 19 -4.43 8.89 -11.30
CA GLY B 19 -3.42 7.85 -11.43
C GLY B 19 -3.30 6.89 -10.25
N TYR B 20 -4.13 7.05 -9.21
CA TYR B 20 -3.99 6.20 -8.03
C TYR B 20 -4.61 4.82 -8.19
N GLU B 21 -5.49 4.59 -9.16
CA GLU B 21 -6.06 3.26 -9.33
C GLU B 21 -5.31 2.50 -10.42
N ASN B 22 -5.62 1.20 -10.54
CA ASN B 22 -4.96 0.40 -11.56
C ASN B 22 -5.30 0.88 -12.96
N VAL B 23 -6.47 1.49 -13.12
CA VAL B 23 -6.95 1.96 -14.41
C VAL B 23 -7.42 3.40 -14.22
N PRO B 24 -7.49 4.17 -15.29
CA PRO B 24 -8.06 5.52 -15.18
C PRO B 24 -9.57 5.41 -15.06
N ILE B 25 -10.17 6.36 -14.35
CA ILE B 25 -11.61 6.45 -14.20
C ILE B 25 -12.05 7.80 -14.75
N PRO B 26 -12.46 7.86 -16.01
CA PRO B 26 -12.82 9.15 -16.61
C PRO B 26 -14.19 9.61 -16.14
N CYS B 27 -14.43 10.91 -16.32
CA CYS B 27 -15.69 11.54 -16.03
C CYS B 27 -16.23 12.17 -17.31
N VAL B 28 -17.50 11.90 -17.62
CA VAL B 28 -18.16 12.48 -18.79
C VAL B 28 -19.49 13.08 -18.36
N ASN B 29 -19.96 14.03 -19.16
CA ASN B 29 -21.26 14.65 -18.93
C ASN B 29 -21.90 14.89 -20.29
N GLY B 30 -23.00 14.20 -20.55
CA GLY B 30 -23.81 14.45 -21.72
C GLY B 30 -25.22 14.91 -21.38
N VAL B 31 -25.39 15.38 -20.14
CA VAL B 31 -26.72 15.71 -19.61
C VAL B 31 -26.87 17.21 -19.37
N ASP B 32 -25.89 17.84 -18.72
CA ASP B 32 -26.07 19.22 -18.31
C ASP B 32 -24.70 19.90 -18.27
N GLY B 33 -24.66 21.11 -17.69
CA GLY B 33 -23.45 21.89 -17.62
C GLY B 33 -22.61 21.66 -16.37
N GLU B 34 -22.91 20.66 -15.56
CA GLU B 34 -22.23 20.48 -14.28
C GLU B 34 -20.76 20.15 -14.50
N PRO B 35 -19.85 20.83 -13.83
CA PRO B 35 -18.42 20.53 -13.99
C PRO B 35 -18.02 19.31 -13.18
N CYS B 36 -16.82 18.84 -13.45
CA CYS B 36 -16.33 17.67 -12.76
C CYS B 36 -16.37 17.91 -11.26
N PRO B 37 -16.86 16.96 -10.46
CA PRO B 37 -16.97 17.21 -9.02
C PRO B 37 -15.60 17.32 -8.38
N GLU B 38 -15.41 18.40 -7.62
CA GLU B 38 -14.14 18.67 -6.97
C GLU B 38 -14.28 19.08 -5.51
N ASP B 39 -15.47 18.93 -4.93
CA ASP B 39 -15.68 19.31 -3.52
CA ASP B 39 -15.71 19.30 -3.53
C ASP B 39 -15.35 18.17 -2.57
N TYR B 40 -14.30 17.44 -2.88
CA TYR B 40 -13.82 16.34 -2.05
C TYR B 40 -12.39 16.06 -2.49
N LYS B 41 -11.71 15.22 -1.73
CA LYS B 41 -10.34 14.80 -2.03
C LYS B 41 -10.36 13.33 -2.40
N TYR B 42 -9.97 13.01 -3.63
CA TYR B 42 -9.94 11.61 -4.04
C TYR B 42 -8.79 10.92 -3.35
N ILE B 43 -9.10 9.84 -2.63
CA ILE B 43 -8.09 8.96 -2.04
C ILE B 43 -8.43 7.56 -2.46
N SER B 44 -7.40 6.76 -2.75
CA SER B 44 -7.63 5.39 -3.18
C SER B 44 -7.69 4.41 -2.02
N GLU B 45 -7.23 4.79 -0.83
CA GLU B 45 -7.30 3.96 0.37
C GLU B 45 -7.83 4.79 1.54
N ASN B 46 -8.43 4.10 2.51
CA ASN B 46 -9.04 4.79 3.64
C ASN B 46 -8.02 5.64 4.39
N CYS B 47 -8.50 6.74 4.97
CA CYS B 47 -7.65 7.61 5.76
C CYS B 47 -8.23 7.80 7.16
N GLU B 48 -7.42 8.40 8.05
CA GLU B 48 -7.89 8.80 9.37
C GLU B 48 -7.56 10.25 9.61
N THR B 49 -8.43 10.92 10.37
CA THR B 49 -8.24 12.30 10.77
C THR B 49 -8.17 12.46 12.30
N SER B 50 -7.99 11.35 13.01
CA SER B 50 -7.75 11.33 14.44
C SER B 50 -7.01 10.03 14.70
N THR B 51 -6.66 9.77 15.96
CA THR B 51 -5.93 8.53 16.24
C THR B 51 -6.86 7.35 16.06
N MET B 52 -6.71 6.62 14.96
CA MET B 52 -7.27 5.28 14.85
C MET B 52 -6.24 4.21 15.16
N ASN B 53 -5.00 4.39 14.67
CA ASN B 53 -3.89 3.46 14.88
C ASN B 53 -4.31 2.02 14.67
N ILE B 54 -4.55 1.66 13.42
CA ILE B 54 -4.98 0.31 13.09
C ILE B 54 -3.98 -0.70 13.64
N ASP B 55 -4.48 -1.75 14.26
CA ASP B 55 -3.62 -2.81 14.78
C ASP B 55 -3.08 -3.62 13.62
N ARG B 56 -1.78 -3.48 13.36
CA ARG B 56 -1.12 -4.22 12.29
C ARG B 56 -0.08 -5.20 12.81
N ASN B 57 -0.17 -5.60 14.08
CA ASN B 57 0.79 -6.53 14.66
C ASN B 57 0.87 -7.79 13.81
N ILE B 58 2.00 -7.97 13.10
CA ILE B 58 2.11 -9.06 12.14
C ILE B 58 2.03 -10.42 12.81
N THR B 59 2.37 -10.50 14.11
CA THR B 59 2.35 -11.79 14.79
C THR B 59 0.94 -12.21 15.19
N HIS B 60 -0.02 -11.30 15.16
CA HIS B 60 -1.39 -11.60 15.53
C HIS B 60 -2.30 -11.84 14.34
N LEU B 61 -1.78 -11.74 13.12
CA LEU B 61 -2.58 -12.04 11.94
C LEU B 61 -2.81 -13.54 11.87
N GLN B 62 -4.06 -13.96 11.72
CA GLN B 62 -4.29 -15.32 11.28
C GLN B 62 -3.85 -15.45 9.85
N HIS B 63 -3.17 -16.56 9.52
CA HIS B 63 -2.59 -16.67 8.19
C HIS B 63 -2.47 -18.14 7.84
N CYS B 64 -2.17 -18.40 6.57
CA CYS B 64 -2.09 -19.77 6.09
C CYS B 64 -0.64 -20.18 5.87
N THR B 65 -0.46 -21.48 5.69
CA THR B 65 0.85 -22.08 5.45
C THR B 65 0.93 -22.73 4.08
N CYS B 66 -0.01 -22.42 3.19
CA CYS B 66 -0.11 -23.09 1.90
C CYS B 66 1.16 -22.91 1.08
N VAL B 67 1.56 -23.98 0.40
CA VAL B 67 2.64 -23.94 -0.57
C VAL B 67 2.13 -24.02 -2.01
N ASP B 68 0.81 -23.94 -2.22
CA ASP B 68 0.21 -23.86 -3.54
C ASP B 68 -0.28 -22.42 -3.77
N ASP B 69 -1.34 -22.28 -4.57
CA ASP B 69 -1.92 -20.97 -4.87
C ASP B 69 -3.14 -20.67 -4.01
N CYS B 70 -3.28 -21.34 -2.87
CA CYS B 70 -4.42 -21.15 -1.96
C CYS B 70 -5.75 -21.50 -2.62
N SER B 71 -5.70 -22.41 -3.59
CA SER B 71 -6.94 -22.88 -4.20
C SER B 71 -7.57 -24.04 -3.46
N SER B 72 -6.88 -24.63 -2.47
CA SER B 72 -7.44 -25.77 -1.79
C SER B 72 -8.30 -25.36 -0.60
N SER B 73 -9.20 -26.25 -0.21
CA SER B 73 -10.06 -26.03 0.95
C SER B 73 -9.28 -26.06 2.26
N ASN B 74 -8.02 -26.49 2.24
CA ASN B 74 -7.17 -26.52 3.42
C ASN B 74 -6.60 -25.15 3.78
N CYS B 75 -6.71 -24.16 2.89
CA CYS B 75 -6.16 -22.84 3.17
C CYS B 75 -6.87 -22.24 4.39
N LEU B 76 -6.10 -21.95 5.45
CA LEU B 76 -6.71 -21.44 6.68
C LEU B 76 -7.48 -20.15 6.42
N CYS B 77 -6.96 -19.29 5.54
CA CYS B 77 -7.63 -18.02 5.27
C CYS B 77 -8.98 -18.23 4.62
N GLY B 78 -9.06 -19.15 3.67
CA GLY B 78 -10.35 -19.52 3.11
C GLY B 78 -11.30 -20.07 4.16
N GLN B 79 -10.76 -20.83 5.12
CA GLN B 79 -11.61 -21.42 6.15
C GLN B 79 -12.15 -20.37 7.13
N LEU B 80 -11.42 -19.28 7.32
CA LEU B 80 -11.89 -18.20 8.17
C LEU B 80 -13.00 -17.39 7.50
N SER B 81 -13.03 -17.37 6.18
CA SER B 81 -14.05 -16.63 5.46
C SER B 81 -15.43 -17.22 5.72
N ILE B 82 -16.42 -16.35 5.87
CA ILE B 82 -17.74 -16.73 6.38
C ILE B 82 -18.71 -16.70 5.21
N ARG B 83 -19.23 -17.88 4.87
CA ARG B 83 -20.33 -18.04 3.92
C ARG B 83 -20.00 -17.48 2.53
N CYS B 84 -18.74 -17.59 2.11
CA CYS B 84 -18.34 -17.12 0.80
C CYS B 84 -16.94 -17.65 0.47
N TRP B 85 -16.60 -17.60 -0.81
CA TRP B 85 -15.30 -18.03 -1.32
C TRP B 85 -15.14 -17.51 -2.74
N TYR B 86 -13.88 -17.50 -3.20
CA TYR B 86 -13.56 -17.05 -4.55
C TYR B 86 -13.39 -18.27 -5.45
N ASP B 87 -13.89 -18.17 -6.68
CA ASP B 87 -13.64 -19.21 -7.67
C ASP B 87 -12.28 -19.01 -8.33
N LYS B 88 -11.96 -19.87 -9.30
CA LYS B 88 -10.65 -19.83 -9.94
C LYS B 88 -10.39 -18.51 -10.65
N ASP B 89 -11.44 -17.78 -11.03
CA ASP B 89 -11.32 -16.53 -11.76
C ASP B 89 -11.41 -15.30 -10.86
N GLY B 90 -11.39 -15.48 -9.54
CA GLY B 90 -11.48 -14.36 -8.62
C GLY B 90 -12.89 -13.86 -8.40
N ARG B 91 -13.89 -14.65 -8.72
CA ARG B 91 -15.28 -14.26 -8.56
C ARG B 91 -15.87 -14.84 -7.28
N LEU B 92 -16.65 -14.03 -6.58
CA LEU B 92 -17.14 -14.37 -5.25
C LEU B 92 -18.40 -15.20 -5.35
N LEU B 93 -18.39 -16.38 -4.72
CA LEU B 93 -19.58 -17.19 -4.57
C LEU B 93 -20.03 -17.12 -3.12
N GLN B 94 -21.35 -17.19 -2.92
CA GLN B 94 -21.94 -17.03 -1.59
C GLN B 94 -22.97 -18.11 -1.32
N GLU B 95 -23.21 -18.33 -0.02
CA GLU B 95 -24.33 -19.18 0.41
C GLU B 95 -25.62 -18.37 0.50
N PHE B 96 -25.54 -17.14 1.00
CA PHE B 96 -26.70 -16.30 1.30
C PHE B 96 -27.60 -16.94 2.36
N GLU B 100 -26.99 -13.94 8.21
CA GLU B 100 -25.59 -13.72 8.55
C GLU B 100 -24.81 -13.25 7.33
N PRO B 101 -24.31 -12.02 7.36
CA PRO B 101 -23.64 -11.48 6.20
C PRO B 101 -22.34 -12.21 5.94
N PRO B 102 -21.86 -12.22 4.70
CA PRO B 102 -20.57 -12.85 4.42
C PRO B 102 -19.44 -12.03 5.02
N LEU B 103 -18.29 -12.68 5.17
CA LEU B 103 -17.09 -12.00 5.64
C LEU B 103 -15.89 -12.67 4.98
N ILE B 104 -15.06 -11.88 4.30
CA ILE B 104 -13.93 -12.41 3.55
C ILE B 104 -12.65 -12.15 4.32
N PHE B 105 -11.85 -13.20 4.55
CA PHE B 105 -10.49 -13.06 5.02
C PHE B 105 -9.55 -13.37 3.86
N GLU B 106 -8.92 -12.34 3.31
CA GLU B 106 -7.94 -12.57 2.26
C GLU B 106 -6.60 -12.93 2.89
N CYS B 107 -5.73 -13.48 2.05
CA CYS B 107 -4.37 -13.74 2.49
C CYS B 107 -3.63 -12.43 2.70
N ASN B 108 -2.50 -12.52 3.41
CA ASN B 108 -1.85 -11.33 3.93
C ASN B 108 -0.35 -11.56 3.97
N GLN B 109 0.36 -10.56 4.49
CA GLN B 109 1.82 -10.57 4.53
C GLN B 109 2.37 -11.61 5.49
N ALA B 110 1.54 -12.18 6.37
CA ALA B 110 2.02 -13.26 7.22
C ALA B 110 1.89 -14.64 6.60
N CYS B 111 1.02 -14.81 5.60
CA CYS B 111 0.84 -16.11 4.96
C CYS B 111 2.12 -16.53 4.21
N SER B 112 2.30 -17.84 4.06
CA SER B 112 3.46 -18.35 3.34
C SER B 112 3.28 -18.26 1.83
N CYS B 113 2.06 -17.97 1.35
CA CYS B 113 1.76 -18.03 -0.07
C CYS B 113 2.32 -16.81 -0.80
N TRP B 114 2.18 -16.83 -2.12
CA TRP B 114 2.65 -15.74 -2.95
C TRP B 114 1.60 -14.64 -3.08
N ARG B 115 2.07 -13.44 -3.43
CA ARG B 115 1.21 -12.28 -3.59
C ARG B 115 0.15 -12.48 -4.67
N ASN B 116 0.33 -13.44 -5.56
CA ASN B 116 -0.63 -13.70 -6.63
C ASN B 116 -1.47 -14.95 -6.38
N CYS B 117 -1.63 -15.36 -5.12
CA CYS B 117 -2.46 -16.51 -4.83
C CYS B 117 -3.93 -16.18 -5.12
N LYS B 118 -4.78 -17.19 -5.00
CA LYS B 118 -6.19 -17.07 -5.37
C LYS B 118 -7.04 -16.34 -4.34
N ASN B 119 -6.45 -15.88 -3.24
CA ASN B 119 -7.23 -15.25 -2.18
C ASN B 119 -6.74 -13.83 -1.97
N ARG B 120 -6.65 -13.05 -3.06
CA ARG B 120 -6.07 -11.71 -3.05
C ARG B 120 -6.88 -10.74 -3.90
N VAL B 121 -8.17 -11.00 -4.07
CA VAL B 121 -8.93 -10.28 -5.09
C VAL B 121 -9.04 -8.79 -4.74
N VAL B 122 -9.60 -8.49 -3.57
CA VAL B 122 -9.85 -7.10 -3.22
C VAL B 122 -8.54 -6.33 -3.06
N GLN B 123 -7.53 -6.95 -2.47
CA GLN B 123 -6.30 -6.21 -2.25
C GLN B 123 -5.56 -5.93 -3.55
N SER B 124 -5.93 -6.59 -4.65
CA SER B 124 -5.30 -6.32 -5.94
C SER B 124 -5.93 -5.15 -6.68
N GLY B 125 -7.04 -4.61 -6.18
CA GLY B 125 -7.54 -3.35 -6.68
C GLY B 125 -8.47 -3.48 -7.87
N ILE B 126 -8.84 -2.31 -8.41
CA ILE B 126 -9.83 -2.24 -9.46
C ILE B 126 -9.30 -2.87 -10.74
N LYS B 127 -10.09 -3.76 -11.34
CA LYS B 127 -9.77 -4.32 -12.65
C LYS B 127 -10.81 -4.02 -13.70
N VAL B 128 -12.05 -3.76 -13.32
CA VAL B 128 -13.08 -3.45 -14.30
C VAL B 128 -13.01 -1.98 -14.66
N ARG B 129 -13.38 -1.66 -15.89
CA ARG B 129 -13.42 -0.28 -16.34
C ARG B 129 -14.75 0.36 -15.96
N LEU B 130 -14.67 1.46 -15.20
CA LEU B 130 -15.80 2.23 -14.70
C LEU B 130 -15.72 3.64 -15.25
N GLN B 131 -16.87 4.31 -15.25
CA GLN B 131 -16.93 5.71 -15.70
C GLN B 131 -17.82 6.48 -14.75
N LEU B 132 -17.34 7.64 -14.30
CA LEU B 132 -18.17 8.62 -13.63
C LEU B 132 -18.95 9.39 -14.70
N TYR B 133 -20.28 9.42 -14.59
CA TYR B 133 -21.06 10.08 -15.63
C TYR B 133 -22.21 10.83 -14.98
N ARG B 134 -22.75 11.79 -15.72
CA ARG B 134 -23.88 12.56 -15.23
C ARG B 134 -25.17 11.81 -15.57
N THR B 135 -25.94 11.44 -14.54
CA THR B 135 -27.22 10.78 -14.75
C THR B 135 -28.30 11.82 -15.02
N ALA B 136 -29.46 11.34 -15.47
CA ALA B 136 -30.55 12.24 -15.82
C ALA B 136 -31.18 12.86 -14.57
N LYS B 137 -31.28 12.10 -13.48
CA LYS B 137 -32.08 12.50 -12.33
C LYS B 137 -31.42 12.32 -10.97
N MET B 138 -30.25 11.70 -10.91
CA MET B 138 -29.63 11.35 -9.64
C MET B 138 -28.22 11.93 -9.49
N GLY B 139 -27.94 13.04 -10.15
CA GLY B 139 -26.62 13.65 -10.03
C GLY B 139 -25.57 12.83 -10.74
N TRP B 140 -24.37 12.76 -10.14
CA TRP B 140 -23.33 11.92 -10.68
C TRP B 140 -23.63 10.47 -10.32
N GLY B 141 -23.23 9.57 -11.22
CA GLY B 141 -23.31 8.14 -10.96
C GLY B 141 -22.11 7.45 -11.58
N VAL B 142 -22.05 6.13 -11.37
CA VAL B 142 -20.96 5.32 -11.90
C VAL B 142 -21.58 4.23 -12.76
N ARG B 143 -21.02 4.03 -13.95
CA ARG B 143 -21.54 2.99 -14.84
C ARG B 143 -20.39 2.10 -15.34
N ALA B 144 -20.77 0.91 -15.78
CA ALA B 144 -19.80 -0.05 -16.30
C ALA B 144 -19.39 0.33 -17.72
N LEU B 145 -18.11 0.19 -18.02
CA LEU B 145 -17.61 0.36 -19.39
C LEU B 145 -17.33 -0.97 -20.06
N GLN B 146 -17.74 -2.07 -19.44
CA GLN B 146 -17.47 -3.39 -19.96
C GLN B 146 -18.50 -4.33 -19.38
N THR B 147 -18.57 -5.53 -19.97
CA THR B 147 -19.34 -6.60 -19.36
C THR B 147 -18.70 -7.00 -18.04
N ILE B 148 -19.54 -7.18 -17.02
CA ILE B 148 -19.03 -7.58 -15.70
C ILE B 148 -19.76 -8.84 -15.26
N PRO B 149 -19.11 -10.01 -15.27
CA PRO B 149 -19.79 -11.22 -14.83
C PRO B 149 -20.19 -11.14 -13.36
N GLN B 150 -21.27 -11.84 -13.02
CA GLN B 150 -21.68 -11.99 -11.62
C GLN B 150 -20.50 -12.41 -10.75
N GLY B 151 -20.39 -11.76 -9.59
CA GLY B 151 -19.38 -12.12 -8.62
C GLY B 151 -18.06 -11.40 -8.79
N THR B 152 -17.95 -10.49 -9.74
CA THR B 152 -16.70 -9.78 -9.98
C THR B 152 -16.52 -8.63 -9.00
N PHE B 153 -15.31 -8.50 -8.47
CA PHE B 153 -14.98 -7.35 -7.64
C PHE B 153 -15.00 -6.08 -8.48
N ILE B 154 -15.65 -5.04 -7.97
CA ILE B 154 -15.81 -3.77 -8.67
C ILE B 154 -14.87 -2.71 -8.10
N CYS B 155 -15.07 -2.34 -6.85
CA CYS B 155 -14.28 -1.30 -6.20
C CYS B 155 -14.62 -1.34 -4.73
N GLU B 156 -13.84 -0.59 -3.95
CA GLU B 156 -13.97 -0.55 -2.50
C GLU B 156 -14.65 0.75 -2.11
N TYR B 157 -15.41 0.72 -1.02
CA TYR B 157 -15.95 1.97 -0.47
C TYR B 157 -14.87 2.59 0.41
N VAL B 158 -14.25 3.66 -0.08
CA VAL B 158 -13.09 4.26 0.56
C VAL B 158 -13.45 5.64 1.10
N GLY B 159 -12.93 5.96 2.28
CA GLY B 159 -13.16 7.27 2.83
C GLY B 159 -12.44 7.47 4.14
N GLU B 160 -13.00 8.33 4.97
CA GLU B 160 -12.42 8.72 6.23
C GLU B 160 -13.00 7.83 7.33
N LEU B 161 -12.12 7.14 8.07
CA LEU B 161 -12.56 6.28 9.16
C LEU B 161 -12.94 7.14 10.35
N ILE B 162 -14.16 6.99 10.85
CA ILE B 162 -14.63 7.76 11.99
C ILE B 162 -15.41 6.86 12.94
N SER B 163 -15.49 7.29 14.20
CA SER B 163 -16.31 6.59 15.17
C SER B 163 -17.78 6.89 14.91
N ASP B 164 -18.65 5.99 15.39
CA ASP B 164 -20.08 6.23 15.20
C ASP B 164 -20.56 7.45 15.97
N ALA B 165 -19.87 7.79 17.07
CA ALA B 165 -20.20 9.03 17.78
C ALA B 165 -19.90 10.25 16.91
N GLU B 166 -18.77 10.24 16.21
CA GLU B 166 -18.48 11.30 15.25
C GLU B 166 -19.46 11.27 14.08
N ALA B 167 -19.82 10.07 13.61
CA ALA B 167 -20.77 9.97 12.50
C ALA B 167 -22.12 10.56 12.88
N ASP B 168 -22.51 10.45 14.15
CA ASP B 168 -23.80 10.98 14.58
C ASP B 168 -23.90 12.48 14.39
N VAL B 169 -22.76 13.18 14.41
CA VAL B 169 -22.76 14.64 14.42
C VAL B 169 -22.26 15.25 13.13
N ARG B 170 -21.91 14.44 12.13
CA ARG B 170 -21.51 14.97 10.84
C ARG B 170 -22.69 15.68 10.18
N GLU B 171 -22.44 16.84 9.58
CA GLU B 171 -23.52 17.64 9.01
C GLU B 171 -24.05 17.01 7.72
N ASP B 172 -23.17 16.68 6.78
CA ASP B 172 -23.54 16.08 5.51
C ASP B 172 -23.32 14.59 5.62
N ASP B 173 -24.42 13.83 5.69
CA ASP B 173 -24.36 12.39 5.88
C ASP B 173 -24.62 11.61 4.58
N SER B 174 -24.55 12.28 3.43
CA SER B 174 -24.87 11.65 2.15
C SER B 174 -23.84 10.64 1.70
N TYR B 175 -22.70 10.56 2.37
CA TYR B 175 -21.63 9.64 1.99
C TYR B 175 -21.19 8.78 3.16
N LEU B 176 -22.05 8.57 4.14
CA LEU B 176 -21.68 7.89 5.37
C LEU B 176 -22.04 6.40 5.26
N PHE B 177 -21.05 5.53 5.46
CA PHE B 177 -21.24 4.09 5.38
C PHE B 177 -20.95 3.47 6.75
N ASP B 178 -21.98 2.88 7.35
CA ASP B 178 -21.89 2.27 8.67
C ASP B 178 -21.30 0.87 8.53
N LEU B 179 -20.21 0.59 9.26
CA LEU B 179 -19.60 -0.74 9.16
C LEU B 179 -20.35 -1.82 9.95
N ASP B 180 -21.25 -1.42 10.86
CA ASP B 180 -22.16 -2.35 11.55
C ASP B 180 -21.42 -3.42 12.35
N ASN B 181 -20.34 -3.01 13.03
CA ASN B 181 -19.57 -3.92 13.86
C ASN B 181 -20.48 -4.67 14.83
N LYS B 182 -20.40 -6.00 14.79
CA LYS B 182 -21.20 -6.83 15.69
C LYS B 182 -20.66 -6.75 17.11
N ASP B 183 -19.46 -7.30 17.31
CA ASP B 183 -18.79 -7.20 18.60
C ASP B 183 -17.87 -5.99 18.61
N GLY B 184 -17.89 -5.25 19.71
CA GLY B 184 -17.10 -4.04 19.82
C GLY B 184 -17.84 -2.79 19.40
N GLU B 185 -17.13 -1.67 19.49
CA GLU B 185 -17.71 -0.39 19.10
C GLU B 185 -17.88 -0.31 17.59
N VAL B 186 -18.84 0.51 17.16
CA VAL B 186 -19.18 0.64 15.75
C VAL B 186 -18.39 1.78 15.14
N TYR B 187 -17.91 1.57 13.92
CA TYR B 187 -17.20 2.58 13.16
C TYR B 187 -17.86 2.78 11.80
N CYS B 188 -17.49 3.87 11.14
CA CYS B 188 -18.09 4.28 9.89
C CYS B 188 -17.01 4.77 8.94
N ILE B 189 -17.32 4.73 7.65
CA ILE B 189 -16.50 5.35 6.63
C ILE B 189 -17.29 6.53 6.07
N ASP B 190 -16.75 7.73 6.20
CA ASP B 190 -17.40 8.91 5.67
C ASP B 190 -16.63 9.33 4.42
N ALA B 191 -17.27 9.25 3.25
CA ALA B 191 -16.63 9.65 2.01
C ALA B 191 -16.94 11.08 1.60
N ARG B 192 -17.47 11.91 2.52
CA ARG B 192 -17.88 13.26 2.14
C ARG B 192 -16.67 14.12 1.76
N TYR B 193 -15.62 14.07 2.57
CA TYR B 193 -14.49 14.98 2.37
C TYR B 193 -13.32 14.29 1.70
N TYR B 194 -13.12 13.01 1.99
CA TYR B 194 -12.12 12.16 1.37
C TYR B 194 -12.83 10.92 0.89
N GLY B 195 -12.67 10.56 -0.38
CA GLY B 195 -13.32 9.34 -0.85
C GLY B 195 -12.79 8.94 -2.20
N ASN B 196 -13.25 7.78 -2.67
CA ASN B 196 -12.89 7.27 -3.98
C ASN B 196 -14.11 7.24 -4.91
N ILE B 197 -14.00 6.50 -6.01
CA ILE B 197 -15.08 6.43 -7.01
C ILE B 197 -16.39 5.97 -6.40
N SER B 198 -16.33 5.17 -5.33
CA SER B 198 -17.55 4.59 -4.75
CA SER B 198 -17.55 4.60 -4.78
C SER B 198 -18.47 5.65 -4.17
N ARG B 199 -17.95 6.82 -3.78
CA ARG B 199 -18.78 7.86 -3.20
C ARG B 199 -19.85 8.30 -4.19
N PHE B 200 -19.68 7.99 -5.47
CA PHE B 200 -20.63 8.42 -6.49
C PHE B 200 -21.62 7.35 -6.90
N ILE B 201 -21.58 6.17 -6.27
CA ILE B 201 -22.48 5.08 -6.62
C ILE B 201 -23.84 5.34 -6.00
N ASN B 202 -24.88 5.36 -6.82
CA ASN B 202 -26.21 5.68 -6.36
C ASN B 202 -26.93 4.45 -5.80
N HIS B 203 -28.07 4.71 -5.14
CA HIS B 203 -28.95 3.66 -4.71
C HIS B 203 -29.80 3.21 -5.89
N LEU B 204 -29.94 1.90 -6.06
CA LEU B 204 -30.91 1.33 -6.96
C LEU B 204 -31.76 0.32 -6.21
N CYS B 205 -33.08 0.39 -6.44
CA CYS B 205 -34.01 -0.60 -5.92
C CYS B 205 -33.93 -1.93 -6.67
N ASP B 206 -33.34 -1.92 -7.87
CA ASP B 206 -32.97 -3.14 -8.58
C ASP B 206 -31.44 -3.13 -8.64
N PRO B 207 -30.77 -3.44 -7.54
CA PRO B 207 -29.32 -3.25 -7.47
C PRO B 207 -28.57 -4.32 -8.24
N ASN B 208 -27.35 -3.98 -8.65
CA ASN B 208 -26.50 -4.95 -9.32
C ASN B 208 -25.15 -5.16 -8.65
N ILE B 209 -24.89 -4.49 -7.54
CA ILE B 209 -23.69 -4.76 -6.75
C ILE B 209 -24.09 -4.89 -5.29
N ILE B 210 -23.26 -5.59 -4.52
CA ILE B 210 -23.51 -5.73 -3.09
C ILE B 210 -22.22 -5.43 -2.32
N PRO B 211 -22.32 -4.81 -1.14
CA PRO B 211 -21.14 -4.61 -0.30
C PRO B 211 -20.86 -5.85 0.54
N VAL B 212 -19.57 -6.14 0.68
CA VAL B 212 -19.11 -7.29 1.45
C VAL B 212 -17.94 -6.83 2.30
N ARG B 213 -17.93 -7.23 3.57
CA ARG B 213 -16.85 -6.89 4.49
C ARG B 213 -15.64 -7.80 4.26
N VAL B 214 -14.45 -7.20 4.25
CA VAL B 214 -13.22 -7.91 3.90
C VAL B 214 -12.08 -7.47 4.82
N PHE B 215 -11.25 -8.44 5.21
CA PHE B 215 -9.98 -8.19 5.87
C PHE B 215 -8.85 -8.65 4.98
N MET B 216 -7.79 -7.83 4.94
CA MET B 216 -6.64 -8.05 4.09
C MET B 216 -5.35 -7.94 4.88
N LEU B 217 -4.68 -6.78 4.87
CA LEU B 217 -3.36 -6.64 5.46
C LEU B 217 -3.40 -6.31 6.95
N HIS B 218 -4.59 -6.28 7.54
CA HIS B 218 -4.77 -6.20 8.97
C HIS B 218 -6.04 -6.96 9.30
N GLN B 219 -6.14 -7.38 10.55
CA GLN B 219 -7.37 -8.01 11.04
C GLN B 219 -7.86 -7.28 12.28
N ASP B 220 -7.74 -5.95 12.26
CA ASP B 220 -8.31 -5.10 13.30
C ASP B 220 -9.81 -5.08 13.09
N LEU B 221 -10.55 -5.77 13.95
CA LEU B 221 -11.97 -5.97 13.71
C LEU B 221 -12.80 -4.69 13.82
N ARG B 222 -12.22 -3.54 14.20
CA ARG B 222 -12.98 -2.29 14.12
C ARG B 222 -13.25 -1.90 12.67
N PHE B 223 -12.39 -2.33 11.75
CA PHE B 223 -12.32 -1.73 10.42
C PHE B 223 -12.34 -2.80 9.32
N PRO B 224 -13.44 -3.52 9.16
CA PRO B 224 -13.63 -4.23 7.90
C PRO B 224 -13.59 -3.22 6.76
N ARG B 225 -13.01 -3.64 5.64
CA ARG B 225 -13.07 -2.83 4.44
C ARG B 225 -14.26 -3.29 3.60
N ILE B 226 -14.84 -2.36 2.85
CA ILE B 226 -16.11 -2.62 2.16
C ILE B 226 -15.82 -2.78 0.68
N ALA B 227 -16.02 -4.00 0.15
CA ALA B 227 -15.79 -4.32 -1.24
C ALA B 227 -17.11 -4.56 -1.94
N PHE B 228 -17.30 -3.94 -3.08
CA PHE B 228 -18.51 -4.17 -3.88
C PHE B 228 -18.21 -5.23 -4.92
N PHE B 229 -19.09 -6.23 -4.99
CA PHE B 229 -19.05 -7.25 -6.02
C PHE B 229 -20.36 -7.22 -6.79
N SER B 230 -20.30 -7.56 -8.08
CA SER B 230 -21.55 -7.62 -8.83
C SER B 230 -22.40 -8.78 -8.35
N SER B 231 -23.71 -8.55 -8.26
CA SER B 231 -24.66 -9.56 -7.83
C SER B 231 -25.31 -10.29 -9.00
N ARG B 232 -25.04 -9.82 -10.21
CA ARG B 232 -25.53 -10.46 -11.43
CA ARG B 232 -25.52 -10.47 -11.43
C ARG B 232 -24.59 -10.02 -12.56
N ASP B 233 -24.78 -10.62 -13.72
CA ASP B 233 -24.07 -10.17 -14.91
C ASP B 233 -24.50 -8.75 -15.23
N ILE B 234 -23.53 -7.86 -15.43
CA ILE B 234 -23.79 -6.45 -15.76
C ILE B 234 -23.31 -6.19 -17.18
N ARG B 235 -24.10 -5.46 -17.95
CA ARG B 235 -23.74 -5.10 -19.32
C ARG B 235 -23.09 -3.72 -19.35
N THR B 236 -22.27 -3.50 -20.38
CA THR B 236 -21.68 -2.18 -20.58
C THR B 236 -22.76 -1.11 -20.59
N GLY B 237 -22.46 0.01 -19.94
CA GLY B 237 -23.37 1.13 -19.90
C GLY B 237 -24.34 1.12 -18.75
N GLU B 238 -24.50 -0.01 -18.07
CA GLU B 238 -25.44 -0.07 -16.96
C GLU B 238 -24.90 0.70 -15.76
N GLU B 239 -25.76 1.53 -15.16
CA GLU B 239 -25.39 2.20 -13.93
C GLU B 239 -25.20 1.16 -12.83
N LEU B 240 -24.11 1.30 -12.08
CA LEU B 240 -23.89 0.47 -10.91
C LEU B 240 -24.65 1.05 -9.73
N GLY B 241 -25.23 0.18 -8.91
CA GLY B 241 -25.90 0.64 -7.71
C GLY B 241 -26.13 -0.48 -6.74
N PHE B 242 -26.18 -0.13 -5.46
CA PHE B 242 -26.50 -1.06 -4.40
C PHE B 242 -27.69 -0.55 -3.61
N ASP B 243 -28.25 -1.44 -2.79
CA ASP B 243 -29.35 -1.09 -1.91
C ASP B 243 -28.77 -0.37 -0.70
N TYR B 244 -29.01 0.95 -0.61
CA TYR B 244 -28.55 1.70 0.55
C TYR B 244 -29.17 1.21 1.84
N GLY B 245 -30.34 0.58 1.77
CA GLY B 245 -30.92 -0.01 2.96
C GLY B 245 -32.11 0.78 3.46
N ASP B 246 -33.01 0.09 4.17
CA ASP B 246 -34.22 0.75 4.66
C ASP B 246 -33.91 1.78 5.74
N ARG B 247 -32.83 1.59 6.50
CA ARG B 247 -32.47 2.58 7.52
C ARG B 247 -32.14 3.92 6.89
N PHE B 248 -31.43 3.92 5.77
CA PHE B 248 -31.19 5.15 5.02
C PHE B 248 -32.52 5.76 4.57
N TRP B 249 -33.36 4.96 3.93
CA TRP B 249 -34.57 5.51 3.30
C TRP B 249 -35.65 5.89 4.31
N ASP B 250 -35.73 5.18 5.45
CA ASP B 250 -36.67 5.57 6.50
C ASP B 250 -36.45 7.02 6.91
N ILE B 251 -35.19 7.43 6.98
CA ILE B 251 -34.86 8.81 7.37
C ILE B 251 -34.97 9.74 6.18
N LYS B 252 -34.35 9.37 5.05
CA LYS B 252 -34.17 10.27 3.93
C LYS B 252 -35.42 10.48 3.10
N SER B 253 -36.37 9.54 3.10
CA SER B 253 -37.55 9.70 2.27
C SER B 253 -38.35 10.94 2.64
N LYS B 254 -38.20 11.46 3.86
CA LYS B 254 -38.82 12.74 4.24
C LYS B 254 -38.31 13.88 3.36
N TYR B 255 -37.03 13.82 2.99
CA TYR B 255 -36.36 14.91 2.29
C TYR B 255 -36.39 14.73 0.78
N PHE B 256 -36.25 13.50 0.31
CA PHE B 256 -36.29 13.23 -1.13
C PHE B 256 -36.64 11.76 -1.33
N THR B 257 -37.25 11.49 -2.47
CA THR B 257 -37.66 10.14 -2.82
C THR B 257 -36.68 9.52 -3.81
N CYS B 258 -36.81 8.21 -3.99
CA CYS B 258 -35.93 7.50 -4.88
C CYS B 258 -36.33 7.75 -6.33
N GLN B 259 -35.35 8.10 -7.16
CA GLN B 259 -35.55 8.38 -8.58
C GLN B 259 -34.99 7.27 -9.47
N CYS B 260 -34.84 6.05 -8.94
CA CYS B 260 -34.22 4.99 -9.74
C CYS B 260 -35.06 4.62 -10.95
N GLY B 261 -36.37 4.88 -10.91
CA GLY B 261 -37.22 4.66 -12.04
C GLY B 261 -37.57 3.21 -12.30
N SER B 262 -37.14 2.30 -11.44
CA SER B 262 -37.47 0.89 -11.64
C SER B 262 -38.94 0.64 -11.36
N GLU B 263 -39.50 -0.33 -12.09
CA GLU B 263 -40.84 -0.80 -11.76
C GLU B 263 -40.88 -1.42 -10.37
N LYS B 264 -39.72 -1.83 -9.84
CA LYS B 264 -39.62 -2.42 -8.52
C LYS B 264 -39.26 -1.39 -7.45
N CYS B 265 -39.31 -0.10 -7.77
CA CYS B 265 -38.86 0.92 -6.83
C CYS B 265 -39.64 0.84 -5.53
N LYS B 266 -38.92 0.91 -4.41
CA LYS B 266 -39.51 0.80 -3.08
C LYS B 266 -39.68 2.13 -2.39
N HIS B 267 -39.12 3.22 -2.93
CA HIS B 267 -39.01 4.46 -2.17
C HIS B 267 -39.45 5.68 -2.99
N SER B 268 -40.21 5.47 -4.06
CA SER B 268 -40.88 6.56 -4.73
C SER B 268 -42.11 6.99 -3.90
N ALA B 269 -42.68 8.12 -4.28
CA ALA B 269 -43.90 8.56 -3.60
C ALA B 269 -45.00 7.49 -3.68
N GLU B 270 -45.16 6.88 -4.85
CA GLU B 270 -46.21 5.87 -5.02
C GLU B 270 -45.91 4.60 -4.22
N ALA B 271 -44.65 4.18 -4.20
CA ALA B 271 -44.30 2.96 -3.46
C ALA B 271 -44.50 3.16 -1.97
N ILE B 272 -44.12 4.34 -1.46
CA ILE B 272 -44.28 4.63 -0.03
C ILE B 272 -45.76 4.66 0.32
N ALA B 273 -46.57 5.32 -0.50
CA ALA B 273 -48.00 5.36 -0.24
C ALA B 273 -48.60 3.97 -0.26
N LEU B 274 -48.17 3.14 -1.21
CA LEU B 274 -48.66 1.77 -1.30
C LEU B 274 -48.27 0.97 -0.06
N GLU B 275 -47.02 1.13 0.40
CA GLU B 275 -46.60 0.47 1.63
C GLU B 275 -47.43 0.95 2.83
N GLN B 276 -47.72 2.26 2.89
CA GLN B 276 -48.59 2.75 3.93
C GLN B 276 -50.01 2.21 3.78
N SER B 277 -50.46 2.01 2.55
CA SER B 277 -51.77 1.40 2.33
C SER B 277 -51.77 -0.05 2.79
N ARG B 278 -50.69 -0.78 2.52
CA ARG B 278 -50.60 -2.17 2.97
C ARG B 278 -50.60 -2.27 4.49
N LEU B 279 -49.88 -1.36 5.15
CA LEU B 279 -49.82 -1.40 6.61
C LEU B 279 -51.18 -1.06 7.23
N ALA B 280 -51.94 -0.15 6.61
CA ALA B 280 -53.25 0.22 7.13
C ALA B 280 -54.25 -0.93 7.06
N ARG B 281 -54.06 -1.88 6.16
CA ARG B 281 -54.98 -3.01 6.03
C ARG B 281 -54.70 -4.08 7.08
ZN ZN C . 3.47 16.92 -3.01
ZN ZN D . 3.72 15.55 -6.55
ZN ZN E . 4.22 19.26 -5.90
ZN ZN F . 36.52 -3.56 4.07
N SFG G . 25.90 -11.71 4.82
CA SFG G . 24.76 -11.62 5.70
C SFG G . 23.98 -12.91 5.66
O SFG G . 24.43 -13.87 5.00
OXT SFG G . 22.89 -12.97 6.28
CB SFG G . 23.88 -10.45 5.23
CG SFG G . 24.30 -9.09 5.80
CD SFG G . 23.95 -8.84 7.28
NE SFG G . 23.01 -7.74 7.36
C5' SFG G . 25.21 -8.40 8.05
C4' SFG G . 26.21 -9.51 8.39
O4' SFG G . 26.88 -10.01 7.23
C3' SFG G . 27.34 -9.05 9.30
O3' SFG G . 26.98 -9.03 10.69
C2' SFG G . 28.43 -10.05 8.99
O2' SFG G . 28.20 -11.30 9.62
C1' SFG G . 28.29 -10.22 7.49
N9 SFG G . 29.04 -9.17 6.77
C8 SFG G . 28.49 -8.15 6.09
N7 SFG G . 29.47 -7.39 5.55
C5 SFG G . 30.65 -7.96 5.90
C6 SFG G . 31.98 -7.65 5.64
N6 SFG G . 32.31 -6.56 4.90
N1 SFG G . 32.95 -8.45 6.14
C2 SFG G . 32.63 -9.52 6.88
N3 SFG G . 31.35 -9.85 7.14
C4 SFG G . 30.36 -9.09 6.64
C12 J26 H . 22.49 -4.16 8.35
C13 J26 H . 23.11 -4.28 9.72
C14 J26 H . 24.42 -0.50 12.36
C17 J26 H . 24.48 -1.91 14.50
C18 J26 H . 24.21 -3.23 14.95
C19 J26 H . 24.68 -3.70 16.17
C20 J26 H . 25.44 -2.88 17.00
C23 J26 H . 25.75 -1.59 16.57
C01 J26 H . 21.50 6.66 9.93
C02 J26 H . 22.22 5.37 9.81
C04 J26 H . 22.94 3.22 10.11
C05 J26 H . 23.03 1.91 10.68
C08 J26 H . 23.84 -0.40 10.92
C09 J26 H . 24.71 -1.35 9.96
C10 J26 H . 23.90 -1.95 8.81
C11 J26 H . 22.75 -2.89 9.15
C21 J26 H . 25.90 -3.41 18.26
C24 J26 H . 25.28 -1.13 15.33
C25 J26 H . 23.60 3.75 8.99
C26 J26 H . 24.62 3.07 8.14
C27 J26 H . 23.14 5.09 8.82
C28 J26 H . 23.47 6.15 7.86
C30 J26 H . 22.70 7.46 7.86
C31 J26 H . 21.36 7.40 8.58
C32 J26 H . 20.91 8.84 8.84
C33 J26 H . 20.28 6.73 7.69
N03 J26 H . 22.08 4.23 10.57
N07 J26 H . 23.87 0.90 10.34
N16 J26 H . 24.04 -1.52 13.22
N22 J26 H . 26.25 -3.82 19.26
O06 J26 H . 22.26 1.64 11.60
O15 J26 H . 25.25 0.37 12.68
O29 J26 H . 24.34 6.02 7.03
C1 EDO I . 4.28 -0.25 9.71
O1 EDO I . 4.46 0.75 8.69
C2 EDO I . 3.07 -1.12 9.37
O2 EDO I . 2.80 -1.96 10.50
ZN ZN J . -3.44 -16.99 3.60
ZN ZN K . -2.77 -17.17 -0.16
ZN ZN L . -3.59 -20.29 1.76
ZN ZN M . -36.09 3.19 -6.41
N SFG N . -25.39 11.14 -6.85
CA SFG N . -24.43 11.47 -5.78
C SFG N . -23.57 12.62 -6.24
O SFG N . -23.85 13.19 -7.31
OXT SFG N . -22.61 12.97 -5.50
CB SFG N . -23.57 10.25 -5.45
CG SFG N . -24.21 9.31 -4.42
CD SFG N . -24.17 9.78 -2.96
NE SFG N . -23.33 8.86 -2.21
C5' SFG N . -25.60 9.66 -2.39
C4' SFG N . -26.58 10.76 -2.78
O4' SFG N . -26.95 10.71 -4.16
C3' SFG N . -27.91 10.63 -2.04
O3' SFG N . -27.89 11.26 -0.75
C2' SFG N . -28.87 11.33 -2.98
O2' SFG N . -28.73 12.75 -2.87
C1' SFG N . -28.37 10.89 -4.34
N9 SFG N . -29.01 9.59 -4.69
C8 SFG N . -28.41 8.37 -4.68
N7 SFG N . -29.29 7.44 -5.05
C5 SFG N . -30.46 8.07 -5.32
C6 SFG N . -31.70 7.63 -5.74
N6 SFG N . -31.93 6.32 -5.99
N1 SFG N . -32.69 8.53 -5.91
C2 SFG N . -32.48 9.83 -5.68
N3 SFG N . -31.28 10.29 -5.27
C4 SFG N . -30.26 9.42 -5.09
C12 J26 O . -23.21 5.76 0.37
C13 J26 O . -24.09 6.59 1.26
C14 J26 O . -26.36 4.36 5.13
C17 J26 O . -26.90 6.55 6.41
C18 J26 O . -26.78 7.95 6.31
C19 J26 O . -27.51 8.82 7.12
C20 J26 O . -28.40 8.33 8.05
C23 J26 O . -28.56 6.96 8.17
C01 J26 O . -23.26 -3.03 6.59
C02 J26 O . -23.90 -1.96 5.79
C04 J26 O . -24.61 0.07 5.05
C05 J26 O . -24.75 1.50 5.00
C08 J26 O . -25.47 3.71 4.05
C09 J26 O . -26.05 4.13 2.62
C10 J26 O . -25.00 4.16 1.50
C11 J26 O . -23.84 5.13 1.61
C21 J26 O . -29.13 9.26 8.88
C24 J26 O . -27.84 6.08 7.36
C25 J26 O . -25.08 -0.90 4.15
C26 J26 O . -25.92 -0.70 2.93
C27 J26 O . -24.64 -2.18 4.62
C28 J26 O . -24.83 -3.55 4.17
C30 J26 O . -24.16 -4.70 4.94
C31 J26 O . -22.94 -4.27 5.76
C32 J26 O . -22.56 -5.44 6.70
C33 J26 O . -21.70 -4.02 4.82
N03 J26 O . -23.88 -0.62 6.02
N07 J26 O . -25.43 2.26 4.06
N16 J26 O . -26.18 5.69 5.54
N22 J26 O . -29.71 10.00 9.54
O06 J26 O . -24.19 2.15 5.89
O15 J26 O . -27.24 3.63 5.61
O29 J26 O . -25.52 -3.83 3.20
C TRS P . 0.52 0.57 0.49
C1 TRS P . -0.26 1.87 0.66
C2 TRS P . -0.37 -0.49 -0.13
C3 TRS P . 1.02 0.10 1.85
N TRS P . 1.67 0.82 -0.38
O1 TRS P . -1.16 1.72 1.74
O2 TRS P . -0.97 0.01 -1.30
O3 TRS P . 1.11 1.19 2.73
C1 EDO Q . -8.94 0.49 7.27
O1 EDO Q . -9.39 -0.86 7.22
C2 EDO Q . -7.74 0.70 6.34
O2 EDO Q . -8.20 0.72 4.99
C1 EDO R . -29.24 16.38 -11.46
O1 EDO R . -29.99 15.46 -10.64
C2 EDO R . -29.00 15.71 -12.80
O2 EDO R . -28.67 14.33 -12.54
#